data_4HLN
#
_entry.id   4HLN
#
_cell.length_a   153.150
_cell.length_b   153.150
_cell.length_c   84.960
_cell.angle_alpha   90.00
_cell.angle_beta   90.00
_cell.angle_gamma   120.00
#
_symmetry.space_group_name_H-M   'P 31 2 1'
#
loop_
_entity.id
_entity.type
_entity.pdbx_description
1 polymer 'Starch synthase I'
2 branched alpha-D-glucopyranose-(1-4)-alpha-D-glucopyranose-(1-4)-alpha-D-glucopyranose-(1-4)-alpha-D-glucopyranose-(1-4)-alpha-D-glucopyranose
3 water water
#
_entity_poly.entity_id   1
_entity_poly.type   'polypeptide(L)'
_entity_poly.pdbx_seq_one_letter_code
;MGSSHHHHHHSSGLVPRGSHMARLRRVARGRYVAELSREGPAARPAQQLAPPVVPGFLAPPPPAPAQSPAPTQPPLPDAG
VGELAPDLLLEGIAEDSIDTIVVAASEQDSEIMDANDQPLAKVTRSIVFVTGEAAPYAKSGGLGDVCGSLPIALAARGHR
VMVVMPRYLNGTSDKNYAKALYTGKHIKIPCFGGSHEVTFFHEYRDNVDWVFVDHPSYHRPGSLYGDNFGAFGDNQFRYT
LLCYAACEAPLILELGGYIYGQSCMFVVNDWHASLVPVLLAAKYRPYGVYRDSRSTLVIHNLAHQGVEPASTYPDLGLPP
EWYGALEWVFPEWARRHALDKGEAVNFLKGAVVTADRIVTVSQGYSWEVTTAEGGQGLNELLSSRKSVLNGIVNGIDIND
WNPTTDKCLPHHYSVDDLSGKAKCKAELQRELGLPVREDVPLIGFIGRLDYQKGIDLIKMAIPDLMREDVQFVMLGSGDP
VFEGWMRSTESSYKDKFRGWVGFSVPVSHRITAGCDILLMPSRFEPCGLNQLYAMQYGTVPVVHGTGGLRDTVETFNPFG
AKGEEGTGWAFSPLTVEKMLWALRTAISTFREHKPSWEGLMKRGMTKDHTWDHAAEQYEQIFEWAFVDQPYVM
;
_entity_poly.pdbx_strand_id   A
#
# COMPACT_ATOMS: atom_id res chain seq x y z
N ASN A 116 -9.27 10.02 -26.95
CA ASN A 116 -7.90 10.03 -26.44
C ASN A 116 -7.20 8.69 -26.59
N ASP A 117 -5.93 8.65 -26.17
CA ASP A 117 -5.14 7.44 -26.21
C ASP A 117 -5.34 6.62 -24.93
N GLN A 118 -6.24 7.09 -24.07
CA GLN A 118 -6.54 6.41 -22.81
C GLN A 118 -7.06 5.00 -23.03
N PRO A 119 -6.28 3.99 -22.61
CA PRO A 119 -6.69 2.58 -22.72
C PRO A 119 -7.93 2.28 -21.89
N LEU A 120 -8.84 1.50 -22.44
CA LEU A 120 -10.05 1.11 -21.74
C LEU A 120 -10.03 -0.39 -21.42
N ALA A 121 -10.95 -0.84 -20.56
CA ALA A 121 -10.96 -2.24 -20.13
C ALA A 121 -11.94 -3.12 -20.91
N LYS A 122 -11.52 -4.36 -21.16
CA LYS A 122 -12.33 -5.36 -21.86
C LYS A 122 -13.74 -5.42 -21.28
N VAL A 123 -13.80 -5.59 -19.96
CA VAL A 123 -15.04 -5.66 -19.23
C VAL A 123 -15.06 -4.56 -18.21
N THR A 124 -15.88 -3.54 -18.45
CA THR A 124 -16.07 -2.48 -17.49
C THR A 124 -17.01 -2.98 -16.38
N ARG A 125 -16.80 -2.50 -15.16
CA ARG A 125 -17.58 -2.97 -14.02
C ARG A 125 -18.07 -1.81 -13.16
N SER A 126 -18.91 -2.18 -12.19
CA SER A 126 -19.34 -1.25 -11.17
C SER A 126 -18.57 -1.57 -9.91
N ILE A 127 -17.80 -0.61 -9.43
CA ILE A 127 -16.86 -0.84 -8.35
C ILE A 127 -17.11 0.12 -7.21
N VAL A 128 -17.26 -0.43 -6.01
CA VAL A 128 -17.57 0.38 -4.85
C VAL A 128 -16.44 0.27 -3.84
N PHE A 129 -15.63 1.32 -3.74
CA PHE A 129 -14.60 1.38 -2.69
C PHE A 129 -15.22 1.79 -1.38
N VAL A 130 -14.89 1.07 -0.31
CA VAL A 130 -15.30 1.49 1.03
C VAL A 130 -14.07 1.72 1.89
N THR A 131 -14.03 2.85 2.58
CA THR A 131 -12.80 3.26 3.25
C THR A 131 -13.06 4.23 4.40
N GLY A 132 -12.16 4.22 5.37
CA GLY A 132 -12.26 5.11 6.51
C GLY A 132 -11.41 6.35 6.30
N GLU A 133 -10.58 6.31 5.26
CA GLU A 133 -9.74 7.44 4.87
C GLU A 133 -10.57 8.58 4.33
N ALA A 134 -10.03 9.79 4.44
CA ALA A 134 -10.67 10.97 3.86
C ALA A 134 -10.19 11.24 2.42
N ALA A 135 -10.99 11.99 1.67
CA ALA A 135 -10.81 12.15 0.22
C ALA A 135 -9.62 13.01 -0.18
N PRO A 136 -8.79 12.48 -1.09
CA PRO A 136 -7.71 13.21 -1.74
C PRO A 136 -8.01 14.71 -1.96
N ASP A 145 -3.43 12.54 -2.21
CA ASP A 145 -3.30 11.13 -1.86
C ASP A 145 -2.29 10.39 -2.73
N VAL A 146 -1.14 10.06 -2.14
CA VAL A 146 0.01 9.51 -2.87
C VAL A 146 -0.26 8.12 -3.48
N CYS A 147 -0.82 7.22 -2.68
CA CYS A 147 -1.13 5.87 -3.16
C CYS A 147 -2.64 5.62 -3.32
N GLY A 148 -3.43 6.69 -3.35
CA GLY A 148 -4.88 6.56 -3.37
C GLY A 148 -5.51 6.95 -4.70
N SER A 149 -4.81 6.63 -5.78
CA SER A 149 -5.29 7.01 -7.09
C SER A 149 -6.00 5.84 -7.79
N LEU A 150 -6.05 4.67 -7.15
CA LEU A 150 -6.61 3.49 -7.79
C LEU A 150 -8.02 3.74 -8.33
N PRO A 151 -8.92 4.26 -7.50
CA PRO A 151 -10.27 4.61 -7.96
C PRO A 151 -10.26 5.50 -9.21
N ILE A 152 -9.50 6.59 -9.17
CA ILE A 152 -9.44 7.51 -10.31
C ILE A 152 -8.94 6.81 -11.60
N ALA A 153 -8.07 5.82 -11.42
CA ALA A 153 -7.45 5.13 -12.54
C ALA A 153 -8.43 4.16 -13.18
N LEU A 154 -9.10 3.40 -12.32
CA LEU A 154 -10.16 2.51 -12.75
C LEU A 154 -11.26 3.29 -13.45
N ALA A 155 -11.67 4.43 -12.89
CA ALA A 155 -12.71 5.23 -13.51
C ALA A 155 -12.30 5.63 -14.91
N ALA A 156 -11.01 5.86 -15.09
CA ALA A 156 -10.47 6.36 -16.34
C ALA A 156 -10.47 5.27 -17.41
N ARG A 157 -10.55 4.03 -16.96
CA ARG A 157 -10.59 2.89 -17.87
C ARG A 157 -12.04 2.49 -18.17
N GLY A 158 -13.01 3.32 -17.78
CA GLY A 158 -14.39 3.12 -18.14
C GLY A 158 -15.26 2.39 -17.12
N HIS A 159 -14.71 2.09 -15.96
CA HIS A 159 -15.51 1.51 -14.88
C HIS A 159 -16.38 2.56 -14.23
N ARG A 160 -17.53 2.14 -13.74
CA ARG A 160 -18.36 3.01 -12.94
C ARG A 160 -17.86 2.86 -11.51
N VAL A 161 -17.34 3.92 -10.92
CA VAL A 161 -16.57 3.80 -9.68
C VAL A 161 -17.13 4.67 -8.57
N MET A 162 -17.45 4.03 -7.45
CA MET A 162 -17.94 4.76 -6.28
C MET A 162 -16.93 4.66 -5.14
N VAL A 163 -16.74 5.73 -4.39
CA VAL A 163 -15.99 5.62 -3.14
C VAL A 163 -16.82 6.14 -2.00
N VAL A 164 -17.03 5.28 -1.00
CA VAL A 164 -17.83 5.61 0.18
C VAL A 164 -16.93 5.82 1.39
N MET A 165 -17.13 6.95 2.08
CA MET A 165 -16.29 7.43 3.16
C MET A 165 -17.12 8.15 4.17
N PRO A 166 -16.57 8.33 5.37
CA PRO A 166 -17.26 9.19 6.32
C PRO A 166 -17.10 10.64 5.92
N ARG A 167 -18.10 11.44 6.22
CA ARG A 167 -17.97 12.88 6.08
C ARG A 167 -17.42 13.41 7.42
N TYR A 168 -16.10 13.51 7.49
CA TYR A 168 -15.44 14.01 8.70
C TYR A 168 -15.55 15.53 8.79
N LEU A 169 -16.73 16.05 9.05
CA LEU A 169 -16.98 17.48 8.87
C LEU A 169 -16.41 18.35 9.98
N ASN A 170 -15.88 19.48 9.56
CA ASN A 170 -15.41 20.50 10.48
C ASN A 170 -16.30 21.73 10.33
N GLY A 171 -17.54 21.63 10.82
CA GLY A 171 -18.51 22.72 10.69
C GLY A 171 -19.23 22.79 9.35
N THR A 172 -20.46 23.31 9.37
CA THR A 172 -21.32 23.36 8.18
C THR A 172 -20.58 23.85 6.93
N SER A 173 -19.82 24.92 7.09
CA SER A 173 -19.20 25.52 5.92
C SER A 173 -17.77 25.07 5.68
N ASP A 174 -17.41 23.91 6.23
CA ASP A 174 -16.12 23.27 5.95
C ASP A 174 -15.88 23.27 4.44
N LYS A 175 -14.78 23.92 4.04
CA LYS A 175 -14.40 24.08 2.64
C LYS A 175 -14.09 22.75 1.97
N ASN A 176 -13.66 21.78 2.78
CA ASN A 176 -13.29 20.45 2.31
C ASN A 176 -14.47 19.61 1.76
N TYR A 177 -15.68 20.05 2.02
CA TYR A 177 -16.84 19.28 1.62
C TYR A 177 -17.84 20.21 0.97
N ALA A 178 -17.37 21.41 0.63
CA ALA A 178 -18.24 22.43 0.06
C ALA A 178 -18.99 21.87 -1.15
N LYS A 179 -18.27 21.14 -2.00
CA LYS A 179 -18.88 20.63 -3.22
C LYS A 179 -19.53 19.24 -3.11
N ALA A 180 -19.57 18.70 -1.90
CA ALA A 180 -20.25 17.44 -1.68
C ALA A 180 -21.66 17.73 -1.22
N LEU A 181 -22.62 17.68 -2.15
CA LEU A 181 -24.01 18.04 -1.84
C LEU A 181 -24.86 16.91 -1.26
N TYR A 182 -25.83 17.30 -0.43
CA TYR A 182 -26.75 16.36 0.19
C TYR A 182 -27.62 15.71 -0.90
N THR A 183 -27.76 14.39 -0.84
CA THR A 183 -28.44 13.63 -1.88
C THR A 183 -29.93 13.55 -1.64
N GLY A 184 -30.39 13.95 -0.45
CA GLY A 184 -31.78 13.74 -0.12
C GLY A 184 -32.05 12.33 0.41
N LYS A 185 -31.02 11.51 0.54
CA LYS A 185 -31.23 10.13 0.99
C LYS A 185 -30.68 9.88 2.38
N HIS A 186 -31.46 9.20 3.20
CA HIS A 186 -31.01 8.79 4.52
C HIS A 186 -31.34 7.32 4.74
N ILE A 187 -30.63 6.65 5.64
CA ILE A 187 -31.09 5.35 6.10
C ILE A 187 -31.07 5.28 7.61
N LYS A 188 -31.88 4.36 8.13
CA LYS A 188 -31.90 4.09 9.57
C LYS A 188 -31.35 2.70 9.82
N ILE A 189 -30.22 2.68 10.54
CA ILE A 189 -29.49 1.46 10.84
C ILE A 189 -29.80 0.93 12.23
N PRO A 190 -30.39 -0.25 12.32
CA PRO A 190 -30.64 -0.84 13.64
C PRO A 190 -29.36 -1.51 14.18
N CYS A 191 -28.84 -0.93 15.26
CA CYS A 191 -27.64 -1.46 15.90
C CYS A 191 -27.36 -0.64 17.15
N PHE A 192 -26.42 -1.10 17.95
CA PHE A 192 -26.02 -0.42 19.17
C PHE A 192 -27.18 0.05 20.03
N GLY A 193 -28.06 -0.91 20.36
CA GLY A 193 -29.18 -0.68 21.25
C GLY A 193 -30.06 0.45 20.76
N GLY A 194 -30.52 0.34 19.52
CA GLY A 194 -31.35 1.37 18.96
C GLY A 194 -31.31 1.43 17.45
N SER A 195 -31.52 2.63 16.94
CA SER A 195 -31.64 2.83 15.51
C SER A 195 -30.98 4.15 15.21
N HIS A 196 -29.97 4.13 14.35
CA HIS A 196 -29.22 5.34 14.08
C HIS A 196 -29.33 5.77 12.61
N GLU A 197 -29.42 7.06 12.40
CA GLU A 197 -29.59 7.52 11.03
C GLU A 197 -28.32 8.13 10.48
N VAL A 198 -28.00 7.77 9.25
CA VAL A 198 -26.95 8.42 8.49
C VAL A 198 -27.58 9.04 7.23
N THR A 199 -26.91 10.03 6.66
CA THR A 199 -27.36 10.61 5.40
C THR A 199 -26.22 10.58 4.40
N PHE A 200 -26.53 10.80 3.12
CA PHE A 200 -25.52 10.68 2.10
C PHE A 200 -25.32 11.99 1.38
N PHE A 201 -24.05 12.37 1.28
CA PHE A 201 -23.64 13.52 0.49
C PHE A 201 -22.84 13.00 -0.68
N HIS A 202 -22.78 13.74 -1.77
CA HIS A 202 -22.16 13.19 -2.96
C HIS A 202 -21.47 14.22 -3.84
N GLU A 203 -20.35 13.82 -4.40
CA GLU A 203 -19.73 14.63 -5.42
C GLU A 203 -19.16 13.80 -6.56
N TYR A 204 -19.39 14.26 -7.77
CA TYR A 204 -18.81 13.65 -8.95
C TYR A 204 -17.58 14.47 -9.32
N ARG A 205 -16.42 13.80 -9.35
CA ARG A 205 -15.14 14.49 -9.58
C ARG A 205 -14.15 13.44 -10.09
N ASP A 206 -13.47 13.73 -11.18
CA ASP A 206 -12.56 12.77 -11.80
C ASP A 206 -13.21 11.45 -12.22
N ASN A 207 -14.47 11.53 -12.62
CA ASN A 207 -15.29 10.38 -13.05
C ASN A 207 -15.52 9.39 -11.96
N VAL A 208 -15.42 9.89 -10.73
CA VAL A 208 -15.64 9.08 -9.57
C VAL A 208 -16.75 9.67 -8.74
N ASP A 209 -17.65 8.79 -8.32
CA ASP A 209 -18.70 9.11 -7.39
C ASP A 209 -18.20 9.04 -5.96
N TRP A 210 -17.93 10.21 -5.41
CA TRP A 210 -17.49 10.34 -4.04
C TRP A 210 -18.71 10.46 -3.19
N VAL A 211 -18.97 9.43 -2.40
CA VAL A 211 -20.14 9.38 -1.55
C VAL A 211 -19.74 9.47 -0.09
N PHE A 212 -20.35 10.39 0.63
CA PHE A 212 -19.99 10.67 2.01
C PHE A 212 -21.09 10.32 2.94
N VAL A 213 -20.74 9.56 3.96
CA VAL A 213 -21.71 9.10 4.94
C VAL A 213 -21.68 10.06 6.12
N ASP A 214 -22.83 10.67 6.43
CA ASP A 214 -22.88 11.68 7.47
C ASP A 214 -23.55 11.23 8.78
N HIS A 215 -22.81 11.40 9.86
CA HIS A 215 -23.31 11.16 11.21
C HIS A 215 -22.53 12.11 12.14
N PRO A 216 -23.18 12.56 13.22
CA PRO A 216 -22.51 13.46 14.18
C PRO A 216 -21.13 12.97 14.68
N SER A 217 -21.00 11.68 14.92
CA SER A 217 -19.76 11.11 15.45
C SER A 217 -18.56 11.19 14.50
N TYR A 218 -18.79 11.53 13.24
CA TYR A 218 -17.67 11.74 12.33
C TYR A 218 -17.14 13.17 12.41
N HIS A 219 -17.90 14.08 13.03
CA HIS A 219 -17.51 15.50 13.09
C HIS A 219 -16.59 15.73 14.28
N ARG A 220 -15.30 15.49 14.08
CA ARG A 220 -14.34 15.54 15.17
C ARG A 220 -12.98 15.85 14.60
N PRO A 221 -12.28 16.79 15.25
CA PRO A 221 -10.91 17.20 14.90
C PRO A 221 -9.89 16.11 15.23
N ASN A 228 -9.48 12.49 12.33
CA ASN A 228 -9.71 11.35 11.45
C ASN A 228 -10.00 10.04 12.19
N PHE A 229 -9.04 9.11 12.15
CA PHE A 229 -9.29 7.71 12.55
C PHE A 229 -10.05 7.46 13.86
N GLY A 230 -9.54 7.87 15.03
CA GLY A 230 -8.14 8.17 15.27
C GLY A 230 -7.90 7.20 16.40
N ALA A 231 -8.49 7.52 17.55
CA ALA A 231 -8.65 6.57 18.66
C ALA A 231 -9.74 7.06 19.62
N PHE A 232 -10.90 6.40 19.58
CA PHE A 232 -12.06 6.81 20.36
C PHE A 232 -12.79 5.57 20.79
N GLY A 233 -13.34 5.59 22.00
CA GLY A 233 -14.12 4.46 22.47
C GLY A 233 -15.21 4.01 21.52
N ASP A 234 -15.75 4.93 20.74
CA ASP A 234 -16.90 4.58 19.92
C ASP A 234 -16.57 4.21 18.46
N ASN A 235 -15.29 4.12 18.14
CA ASN A 235 -14.87 3.67 16.83
C ASN A 235 -15.69 2.50 16.27
N GLN A 236 -15.72 1.40 17.03
CA GLN A 236 -16.43 0.23 16.55
C GLN A 236 -17.82 0.63 16.06
N PHE A 237 -18.49 1.48 16.82
CA PHE A 237 -19.79 1.98 16.44
C PHE A 237 -19.76 2.84 15.16
N ARG A 238 -18.80 3.75 15.09
CA ARG A 238 -18.69 4.67 13.96
C ARG A 238 -18.53 3.89 12.66
N TYR A 239 -17.65 2.90 12.68
CA TYR A 239 -17.31 2.20 11.46
C TYR A 239 -18.29 1.09 11.11
N THR A 240 -19.04 0.65 12.10
CA THR A 240 -20.23 -0.15 11.88
C THR A 240 -21.24 0.62 11.02
N LEU A 241 -21.44 1.90 11.33
CA LEU A 241 -22.37 2.73 10.55
C LEU A 241 -21.88 2.81 9.12
N LEU A 242 -20.58 3.04 8.98
CA LEU A 242 -19.95 3.16 7.68
C LEU A 242 -20.30 1.95 6.84
N CYS A 243 -20.22 0.78 7.44
CA CYS A 243 -20.36 -0.46 6.70
C CYS A 243 -21.80 -0.73 6.28
N TYR A 244 -22.75 -0.55 7.17
CA TYR A 244 -24.16 -0.65 6.81
C TYR A 244 -24.52 0.32 5.66
N ALA A 245 -24.05 1.55 5.79
CA ALA A 245 -24.32 2.59 4.82
C ALA A 245 -23.80 2.18 3.45
N ALA A 246 -22.59 1.63 3.43
CA ALA A 246 -21.97 1.32 2.16
C ALA A 246 -22.73 0.20 1.42
N CYS A 247 -23.42 -0.64 2.17
CA CYS A 247 -24.24 -1.70 1.59
C CYS A 247 -25.51 -1.14 0.96
N GLU A 248 -26.01 -0.06 1.52
CA GLU A 248 -27.20 0.60 0.97
C GLU A 248 -26.96 1.49 -0.25
N ALA A 249 -25.80 2.12 -0.30
CA ALA A 249 -25.56 3.15 -1.31
C ALA A 249 -25.86 2.67 -2.74
N PRO A 250 -25.34 1.49 -3.10
CA PRO A 250 -25.52 0.97 -4.47
C PRO A 250 -26.96 0.60 -4.78
N LEU A 251 -27.77 0.45 -3.74
CA LEU A 251 -29.17 0.11 -3.92
C LEU A 251 -30.10 1.32 -3.93
N ILE A 252 -29.67 2.46 -3.39
CA ILE A 252 -30.60 3.57 -3.25
C ILE A 252 -30.22 4.92 -3.81
N LEU A 253 -28.94 5.12 -4.13
CA LEU A 253 -28.53 6.40 -4.67
C LEU A 253 -28.68 6.45 -6.20
N GLU A 254 -29.58 7.30 -6.69
CA GLU A 254 -29.73 7.46 -8.14
C GLU A 254 -28.74 8.47 -8.74
N LEU A 255 -27.47 8.10 -8.76
CA LEU A 255 -26.41 8.93 -9.31
C LEU A 255 -26.49 8.99 -10.83
N GLY A 256 -26.52 10.21 -11.36
CA GLY A 256 -26.69 10.41 -12.79
C GLY A 256 -27.97 9.77 -13.31
N GLY A 257 -28.99 9.68 -12.46
CA GLY A 257 -30.24 9.04 -12.84
C GLY A 257 -30.49 7.57 -12.50
N TYR A 258 -29.44 6.75 -12.40
CA TYR A 258 -29.64 5.32 -12.10
C TYR A 258 -28.73 4.78 -10.99
N ILE A 259 -29.27 3.90 -10.16
CA ILE A 259 -28.50 3.26 -9.10
C ILE A 259 -27.36 2.38 -9.62
N TYR A 260 -26.46 2.01 -8.74
CA TYR A 260 -25.33 1.16 -9.10
C TYR A 260 -25.77 -0.29 -9.20
N GLY A 261 -26.74 -0.65 -8.37
CA GLY A 261 -27.28 -2.00 -8.39
C GLY A 261 -26.51 -3.10 -7.67
N GLN A 262 -26.77 -4.34 -8.09
CA GLN A 262 -26.35 -5.51 -7.32
C GLN A 262 -25.30 -6.40 -7.97
N SER A 263 -24.56 -5.89 -8.94
CA SER A 263 -23.47 -6.63 -9.55
C SER A 263 -22.17 -5.89 -9.33
N CYS A 264 -21.94 -5.54 -8.07
CA CYS A 264 -20.81 -4.70 -7.76
C CYS A 264 -19.60 -5.44 -7.24
N MET A 265 -18.44 -4.89 -7.51
CA MET A 265 -17.26 -5.31 -6.78
C MET A 265 -17.05 -4.31 -5.65
N PHE A 266 -17.23 -4.78 -4.42
CA PHE A 266 -16.90 -3.97 -3.25
C PHE A 266 -15.43 -4.15 -2.93
N VAL A 267 -14.68 -3.06 -2.92
CA VAL A 267 -13.29 -3.08 -2.46
C VAL A 267 -13.22 -2.44 -1.09
N VAL A 268 -13.13 -3.27 -0.06
CA VAL A 268 -13.13 -2.76 1.31
C VAL A 268 -11.73 -2.64 1.92
N ASN A 269 -11.42 -1.46 2.43
CA ASN A 269 -10.07 -1.15 2.87
C ASN A 269 -9.95 -1.26 4.37
N ASP A 270 -9.14 -2.22 4.80
CA ASP A 270 -8.73 -2.32 6.20
C ASP A 270 -9.89 -2.62 7.13
N TRP A 271 -9.71 -2.42 8.42
CA TRP A 271 -10.75 -2.90 9.33
C TRP A 271 -11.96 -2.02 9.30
N HIS A 272 -11.76 -0.74 9.00
CA HIS A 272 -12.86 0.21 9.02
C HIS A 272 -14.03 -0.23 8.16
N ALA A 273 -13.73 -0.91 7.06
CA ALA A 273 -14.76 -1.34 6.12
C ALA A 273 -14.95 -2.85 6.14
N SER A 274 -14.46 -3.51 7.17
CA SER A 274 -14.31 -4.97 7.12
C SER A 274 -15.58 -5.71 7.41
N LEU A 275 -16.59 -4.99 7.87
CA LEU A 275 -17.84 -5.64 8.20
C LEU A 275 -18.70 -5.79 6.94
N VAL A 276 -18.35 -5.05 5.90
CA VAL A 276 -19.13 -5.05 4.67
C VAL A 276 -19.35 -6.46 4.09
N PRO A 277 -18.27 -7.22 3.88
CA PRO A 277 -18.40 -8.57 3.34
C PRO A 277 -19.17 -9.49 4.26
N VAL A 278 -19.19 -9.15 5.54
CA VAL A 278 -19.98 -9.95 6.48
C VAL A 278 -21.47 -9.64 6.26
N LEU A 279 -21.78 -8.35 6.17
CA LEU A 279 -23.13 -7.91 5.89
C LEU A 279 -23.68 -8.56 4.62
N LEU A 280 -22.91 -8.48 3.54
CA LEU A 280 -23.34 -9.08 2.29
C LEU A 280 -23.77 -10.52 2.54
N ALA A 281 -22.92 -11.27 3.23
CA ALA A 281 -23.15 -12.68 3.47
C ALA A 281 -24.26 -12.98 4.48
N ALA A 282 -24.46 -12.10 5.45
CA ALA A 282 -25.38 -12.37 6.55
C ALA A 282 -26.76 -11.75 6.31
N LYS A 283 -26.76 -10.51 5.82
CA LYS A 283 -27.98 -9.74 5.73
C LYS A 283 -28.61 -9.72 4.33
N TYR A 284 -27.80 -9.83 3.27
CA TYR A 284 -28.32 -9.68 1.91
C TYR A 284 -28.47 -10.96 1.08
N ARG A 285 -27.39 -11.70 0.90
CA ARG A 285 -27.43 -12.86 0.02
C ARG A 285 -28.43 -13.94 0.43
N PRO A 286 -28.60 -14.16 1.73
CA PRO A 286 -29.56 -15.21 2.09
C PRO A 286 -31.00 -14.88 1.65
N TYR A 287 -31.25 -13.63 1.27
CA TYR A 287 -32.59 -13.23 0.84
C TYR A 287 -32.70 -12.94 -0.66
N GLY A 288 -31.64 -13.18 -1.41
CA GLY A 288 -31.66 -12.95 -2.84
C GLY A 288 -31.12 -11.61 -3.28
N VAL A 289 -30.60 -10.85 -2.32
CA VAL A 289 -29.97 -9.58 -2.64
C VAL A 289 -28.46 -9.70 -2.69
N TYR A 290 -27.87 -9.08 -3.72
CA TYR A 290 -26.42 -8.99 -3.87
C TYR A 290 -25.74 -10.32 -4.20
N ARG A 291 -26.50 -11.31 -4.65
CA ARG A 291 -25.90 -12.59 -5.06
C ARG A 291 -24.89 -12.50 -6.20
N ASP A 292 -24.97 -11.43 -6.98
CA ASP A 292 -24.02 -11.27 -8.08
C ASP A 292 -22.90 -10.28 -7.78
N SER A 293 -22.78 -9.90 -6.51
CA SER A 293 -21.69 -9.04 -6.08
C SER A 293 -20.62 -9.82 -5.35
N ARG A 294 -19.40 -9.34 -5.45
CA ARG A 294 -18.26 -9.94 -4.79
C ARG A 294 -17.58 -8.86 -3.97
N SER A 295 -16.58 -9.25 -3.19
CA SER A 295 -15.80 -8.28 -2.42
C SER A 295 -14.32 -8.62 -2.32
N THR A 296 -13.51 -7.57 -2.29
CA THR A 296 -12.08 -7.71 -2.16
C THR A 296 -11.60 -6.97 -0.93
N LEU A 297 -10.92 -7.67 -0.06
CA LEU A 297 -10.37 -7.05 1.11
C LEU A 297 -8.96 -6.55 0.77
N VAL A 298 -8.72 -5.26 1.01
CA VAL A 298 -7.40 -4.67 0.87
C VAL A 298 -6.81 -4.38 2.24
N ILE A 299 -5.65 -4.96 2.50
CA ILE A 299 -5.03 -4.88 3.81
C ILE A 299 -3.73 -4.11 3.70
N HIS A 300 -3.73 -2.89 4.21
CA HIS A 300 -2.53 -2.07 4.21
C HIS A 300 -1.69 -2.31 5.47
N ASN A 301 -2.34 -2.72 6.56
CA ASN A 301 -1.62 -3.09 7.78
C ASN A 301 -2.33 -4.17 8.58
N LEU A 302 -1.57 -4.82 9.46
CA LEU A 302 -2.05 -5.92 10.29
C LEU A 302 -2.05 -5.54 11.77
N ALA A 303 -1.59 -4.34 12.09
CA ALA A 303 -1.54 -3.87 13.47
C ALA A 303 -2.94 -3.62 14.03
N HIS A 304 -3.77 -2.94 13.24
CA HIS A 304 -5.10 -2.53 13.68
C HIS A 304 -6.19 -3.35 13.03
N GLN A 305 -6.75 -4.26 13.83
CA GLN A 305 -7.64 -5.28 13.32
C GLN A 305 -9.09 -5.00 13.71
N GLY A 306 -9.31 -3.88 14.37
CA GLY A 306 -10.64 -3.53 14.83
C GLY A 306 -11.12 -4.53 15.86
N VAL A 307 -10.41 -4.59 16.98
CA VAL A 307 -10.71 -5.56 18.02
C VAL A 307 -11.36 -4.94 19.25
N GLU A 308 -12.40 -5.61 19.72
CA GLU A 308 -13.16 -5.19 20.88
C GLU A 308 -13.63 -6.45 21.57
N PRO A 309 -14.06 -6.32 22.82
CA PRO A 309 -14.51 -7.48 23.62
C PRO A 309 -15.74 -8.15 23.02
N ALA A 310 -15.87 -9.45 23.19
CA ALA A 310 -16.95 -10.22 22.55
C ALA A 310 -18.33 -9.85 23.06
N SER A 311 -18.37 -9.16 24.18
CA SER A 311 -19.63 -8.78 24.78
C SER A 311 -20.35 -7.76 23.89
N THR A 312 -19.60 -7.18 22.95
CA THR A 312 -20.14 -6.16 22.07
C THR A 312 -20.80 -6.75 20.84
N TYR A 313 -20.59 -8.04 20.59
CA TYR A 313 -21.17 -8.66 19.39
C TYR A 313 -22.64 -8.31 19.13
N PRO A 314 -23.50 -8.36 20.16
CA PRO A 314 -24.92 -8.06 19.89
C PRO A 314 -25.14 -6.64 19.39
N ASP A 315 -24.29 -5.71 19.82
CA ASP A 315 -24.41 -4.34 19.30
C ASP A 315 -24.31 -4.21 17.76
N LEU A 316 -23.65 -5.16 17.11
CA LEU A 316 -23.43 -5.06 15.65
C LEU A 316 -24.70 -5.34 14.83
N GLY A 317 -25.77 -5.78 15.48
CA GLY A 317 -27.01 -6.03 14.77
C GLY A 317 -27.00 -7.16 13.74
N LEU A 318 -26.01 -8.03 13.79
CA LEU A 318 -25.99 -9.26 12.99
C LEU A 318 -26.69 -10.38 13.73
N PRO A 319 -27.08 -11.44 13.00
CA PRO A 319 -27.70 -12.58 13.71
C PRO A 319 -26.68 -13.38 14.54
N PRO A 320 -27.18 -14.15 15.51
CA PRO A 320 -26.31 -14.90 16.42
C PRO A 320 -25.39 -15.94 15.78
N GLU A 321 -25.81 -16.57 14.68
CA GLU A 321 -25.05 -17.66 14.06
C GLU A 321 -23.76 -17.13 13.48
N TRP A 322 -23.75 -15.82 13.23
CA TRP A 322 -22.61 -15.17 12.59
C TRP A 322 -21.47 -14.84 13.54
N TYR A 323 -21.72 -14.98 14.83
CA TYR A 323 -20.68 -14.78 15.82
C TYR A 323 -19.37 -15.46 15.42
N GLY A 324 -19.43 -16.71 14.97
CA GLY A 324 -18.21 -17.41 14.61
C GLY A 324 -17.29 -16.71 13.61
N ALA A 325 -17.86 -15.86 12.76
CA ALA A 325 -17.07 -15.21 11.73
C ALA A 325 -16.23 -14.11 12.34
N LEU A 326 -16.78 -13.48 13.38
CA LEU A 326 -16.10 -12.40 14.06
C LEU A 326 -15.39 -12.84 15.32
N GLU A 327 -15.65 -14.08 15.75
CA GLU A 327 -15.09 -14.57 16.98
C GLU A 327 -13.58 -14.65 16.92
N TRP A 328 -12.93 -14.18 17.99
CA TRP A 328 -11.48 -14.18 18.06
C TRP A 328 -11.07 -14.37 19.53
N VAL A 329 -10.43 -15.50 19.83
CA VAL A 329 -9.92 -15.73 21.17
C VAL A 329 -8.41 -15.58 21.27
N PHE A 330 -7.95 -14.71 22.16
CA PHE A 330 -6.52 -14.56 22.36
C PHE A 330 -5.90 -15.71 23.14
N PRO A 331 -4.70 -16.14 22.70
CA PRO A 331 -3.96 -17.21 23.36
C PRO A 331 -3.62 -16.80 24.79
N GLU A 332 -3.38 -17.80 25.65
CA GLU A 332 -3.13 -17.55 27.06
C GLU A 332 -1.96 -16.61 27.36
N TRP A 333 -0.85 -16.73 26.65
CA TRP A 333 0.27 -15.85 26.93
C TRP A 333 -0.07 -14.37 26.69
N ALA A 334 -1.18 -14.13 26.00
CA ALA A 334 -1.61 -12.77 25.69
C ALA A 334 -2.74 -12.29 26.57
N ARG A 335 -3.03 -13.02 27.65
CA ARG A 335 -4.04 -12.55 28.61
C ARG A 335 -3.53 -11.42 29.50
N ARG A 336 -4.47 -10.62 29.95
CA ARG A 336 -4.16 -9.30 30.48
C ARG A 336 -4.42 -9.10 31.97
N HIS A 337 -5.14 -10.05 32.55
CA HIS A 337 -5.41 -10.07 33.98
C HIS A 337 -5.95 -11.45 34.32
N ALA A 338 -5.91 -11.77 35.61
CA ALA A 338 -6.18 -13.12 36.10
C ALA A 338 -7.44 -13.77 35.52
N LEU A 339 -8.54 -13.00 35.41
CA LEU A 339 -9.80 -13.57 34.94
C LEU A 339 -10.10 -13.42 33.44
N ASP A 340 -9.19 -12.78 32.72
CA ASP A 340 -9.38 -12.50 31.30
C ASP A 340 -9.55 -13.78 30.47
N LYS A 341 -10.74 -13.97 29.90
CA LYS A 341 -11.02 -15.14 29.07
C LYS A 341 -10.47 -14.96 27.65
N GLY A 342 -10.04 -13.74 27.33
CA GLY A 342 -9.45 -13.43 26.04
C GLY A 342 -10.39 -13.46 24.84
N GLU A 343 -11.69 -13.26 25.08
CA GLU A 343 -12.69 -13.35 24.01
C GLU A 343 -13.00 -12.01 23.35
N ALA A 344 -12.90 -11.97 22.03
CA ALA A 344 -13.08 -10.72 21.29
C ALA A 344 -13.85 -10.88 19.98
N VAL A 345 -14.18 -9.75 19.37
CA VAL A 345 -14.57 -9.73 17.97
C VAL A 345 -13.53 -8.98 17.18
N ASN A 346 -13.30 -9.44 15.96
CA ASN A 346 -12.19 -8.95 15.16
C ASN A 346 -12.66 -8.63 13.74
N PHE A 347 -12.95 -7.35 13.50
CA PHE A 347 -13.40 -6.90 12.20
C PHE A 347 -12.61 -7.45 11.02
N LEU A 348 -11.29 -7.19 11.01
CA LEU A 348 -10.44 -7.62 9.91
C LEU A 348 -10.54 -9.13 9.73
N LYS A 349 -10.47 -9.84 10.84
CA LYS A 349 -10.61 -11.29 10.82
C LYS A 349 -11.93 -11.70 10.13
N GLY A 350 -13.01 -11.02 10.48
CA GLY A 350 -14.32 -11.25 9.91
C GLY A 350 -14.35 -11.13 8.40
N ALA A 351 -13.65 -10.13 7.89
CA ALA A 351 -13.51 -9.95 6.44
C ALA A 351 -12.62 -11.02 5.83
N VAL A 352 -11.54 -11.39 6.52
CA VAL A 352 -10.62 -12.37 5.96
C VAL A 352 -11.38 -13.67 5.76
N VAL A 353 -12.31 -13.90 6.67
CA VAL A 353 -13.11 -15.10 6.64
C VAL A 353 -14.18 -15.09 5.54
N THR A 354 -14.69 -13.92 5.16
CA THR A 354 -15.84 -13.83 4.25
C THR A 354 -15.61 -13.15 2.90
N ALA A 355 -14.50 -12.46 2.74
CA ALA A 355 -14.24 -11.75 1.49
C ALA A 355 -14.04 -12.77 0.39
N ASP A 356 -14.09 -12.33 -0.85
CA ASP A 356 -13.92 -13.25 -1.96
C ASP A 356 -12.47 -13.35 -2.42
N ARG A 357 -11.84 -12.20 -2.61
CA ARG A 357 -10.41 -12.14 -2.85
C ARG A 357 -9.75 -11.28 -1.76
N ILE A 358 -8.44 -11.41 -1.60
CA ILE A 358 -7.72 -10.62 -0.61
C ILE A 358 -6.42 -10.08 -1.17
N VAL A 359 -6.27 -8.75 -1.10
CA VAL A 359 -5.04 -8.10 -1.50
C VAL A 359 -4.35 -7.58 -0.25
N THR A 360 -3.13 -8.03 -0.01
CA THR A 360 -2.53 -7.79 1.29
C THR A 360 -1.08 -7.36 1.24
N VAL A 361 -0.71 -6.42 2.09
CA VAL A 361 0.67 -6.00 2.23
C VAL A 361 1.63 -7.16 2.53
N SER A 362 1.11 -8.18 3.23
CA SER A 362 1.92 -9.26 3.75
C SER A 362 2.38 -10.22 2.65
N GLN A 363 1.81 -10.08 1.46
CA GLN A 363 2.16 -10.94 0.34
C GLN A 363 3.65 -10.98 -0.04
N GLY A 364 4.29 -9.83 -0.12
CA GLY A 364 5.72 -9.81 -0.41
C GLY A 364 6.64 -9.95 0.79
N TYR A 365 6.19 -10.62 1.84
CA TYR A 365 7.02 -10.81 3.04
C TYR A 365 7.00 -12.24 3.59
N SER A 366 7.91 -12.51 4.51
CA SER A 366 8.06 -13.86 5.06
C SER A 366 7.00 -14.16 6.11
N TRP A 367 6.82 -15.45 6.38
CA TRP A 367 5.94 -15.88 7.46
C TRP A 367 6.25 -15.12 8.75
N GLU A 368 7.54 -15.07 9.06
CA GLU A 368 8.04 -14.49 10.30
C GLU A 368 7.66 -13.02 10.44
N VAL A 369 7.81 -12.28 9.35
CA VAL A 369 7.49 -10.85 9.37
C VAL A 369 5.98 -10.67 9.58
N THR A 370 5.19 -11.40 8.80
CA THR A 370 3.75 -11.34 8.91
C THR A 370 3.30 -11.68 10.34
N THR A 371 3.90 -12.72 10.93
CA THR A 371 3.56 -13.13 12.29
C THR A 371 3.89 -12.07 13.32
N ALA A 372 4.97 -11.36 13.09
CA ALA A 372 5.40 -10.28 13.97
C ALA A 372 4.48 -9.07 13.82
N GLU A 373 3.92 -8.86 12.63
CA GLU A 373 3.09 -7.67 12.40
C GLU A 373 1.65 -7.84 12.87
N GLY A 374 1.13 -9.06 12.77
CA GLY A 374 -0.29 -9.27 12.98
C GLY A 374 -0.61 -10.46 13.85
N GLY A 375 0.43 -11.19 14.25
CA GLY A 375 0.23 -12.29 15.16
C GLY A 375 0.06 -13.59 14.42
N GLN A 376 0.46 -14.67 15.06
CA GLN A 376 0.40 -15.97 14.42
C GLN A 376 -1.02 -16.41 14.07
N GLY A 377 -2.00 -16.03 14.89
CA GLY A 377 -3.37 -16.46 14.68
C GLY A 377 -3.85 -15.98 13.33
N LEU A 378 -3.68 -14.69 13.10
CA LEU A 378 -4.10 -14.08 11.86
C LEU A 378 -3.32 -14.65 10.68
N ASN A 379 -2.04 -14.91 10.88
CA ASN A 379 -1.21 -15.41 9.80
C ASN A 379 -1.69 -16.78 9.28
N GLU A 380 -2.04 -17.67 10.19
CA GLU A 380 -2.54 -18.98 9.78
C GLU A 380 -3.87 -18.84 9.05
N LEU A 381 -4.68 -17.89 9.50
CA LEU A 381 -5.95 -17.60 8.87
C LEU A 381 -5.74 -17.18 7.42
N LEU A 382 -4.89 -16.18 7.22
CA LEU A 382 -4.51 -15.73 5.90
C LEU A 382 -4.04 -16.87 5.03
N SER A 383 -3.08 -17.65 5.52
CA SER A 383 -2.48 -18.70 4.69
C SER A 383 -3.48 -19.82 4.44
N SER A 384 -4.51 -19.90 5.29
CA SER A 384 -5.59 -20.84 5.03
C SER A 384 -6.41 -20.40 3.79
N ARG A 385 -6.27 -19.14 3.39
CA ARG A 385 -6.92 -18.63 2.19
C ARG A 385 -5.90 -18.26 1.13
N LYS A 386 -4.79 -18.99 1.15
CA LYS A 386 -3.67 -18.83 0.22
C LYS A 386 -4.10 -18.61 -1.25
N SER A 387 -5.09 -19.38 -1.69
CA SER A 387 -5.46 -19.39 -3.11
C SER A 387 -6.12 -18.10 -3.60
N VAL A 388 -6.51 -17.22 -2.67
CA VAL A 388 -7.13 -15.96 -3.06
C VAL A 388 -6.32 -14.74 -2.66
N LEU A 389 -5.05 -14.94 -2.34
CA LEU A 389 -4.18 -13.84 -1.93
C LEU A 389 -3.39 -13.23 -3.08
N ASN A 390 -3.18 -11.92 -3.00
CA ASN A 390 -2.36 -11.15 -3.95
C ASN A 390 -1.76 -9.98 -3.23
N GLY A 391 -0.60 -9.53 -3.70
CA GLY A 391 0.05 -8.38 -3.09
C GLY A 391 -0.58 -7.08 -3.53
N ILE A 392 -0.34 -6.02 -2.77
CA ILE A 392 -0.76 -4.69 -3.17
C ILE A 392 0.03 -4.29 -4.40
N VAL A 393 -0.61 -3.69 -5.39
CA VAL A 393 0.12 -3.20 -6.55
C VAL A 393 -0.15 -1.72 -6.71
N ASN A 394 0.94 -0.95 -6.85
CA ASN A 394 0.86 0.51 -6.96
C ASN A 394 1.38 1.04 -8.30
N GLY A 395 1.15 2.32 -8.57
CA GLY A 395 1.69 2.96 -9.75
C GLY A 395 2.40 4.25 -9.39
N ILE A 396 3.03 4.87 -10.38
CA ILE A 396 3.70 6.16 -10.17
C ILE A 396 3.31 7.07 -11.31
N ASP A 397 3.39 8.38 -11.07
CA ASP A 397 3.20 9.38 -12.11
C ASP A 397 4.44 9.49 -13.00
N ILE A 398 4.30 9.09 -14.27
CA ILE A 398 5.46 9.06 -15.14
C ILE A 398 5.69 10.39 -15.83
N ASN A 399 4.85 11.37 -15.50
CA ASN A 399 5.12 12.73 -15.95
C ASN A 399 6.15 13.36 -15.04
N ASP A 400 6.07 13.03 -13.76
CA ASP A 400 7.07 13.46 -12.79
C ASP A 400 8.31 12.58 -12.84
N TRP A 401 8.14 11.29 -13.10
CA TRP A 401 9.25 10.35 -13.03
C TRP A 401 9.58 9.68 -14.36
N ASN A 402 10.38 10.37 -15.15
CA ASN A 402 10.84 9.83 -16.40
C ASN A 402 12.23 10.37 -16.69
N PRO A 403 13.22 9.48 -16.79
CA PRO A 403 14.61 9.91 -17.01
C PRO A 403 14.78 10.63 -18.33
N THR A 404 13.78 10.55 -19.19
CA THR A 404 13.93 11.16 -20.51
C THR A 404 13.47 12.62 -20.54
N THR A 405 12.65 13.00 -19.56
CA THR A 405 12.13 14.37 -19.57
C THR A 405 12.31 15.10 -18.25
N ASP A 406 12.77 14.39 -17.23
CA ASP A 406 12.81 14.95 -15.89
C ASP A 406 13.52 16.31 -15.84
N LYS A 407 12.75 17.35 -15.55
CA LYS A 407 13.29 18.70 -15.51
C LYS A 407 14.30 18.89 -14.40
N CYS A 408 14.25 18.03 -13.38
CA CYS A 408 15.12 18.18 -12.22
C CYS A 408 16.55 17.65 -12.45
N LEU A 409 16.73 16.91 -13.54
CA LEU A 409 18.03 16.30 -13.86
C LEU A 409 18.91 17.12 -14.79
N PRO A 410 20.22 17.13 -14.53
CA PRO A 410 21.17 17.84 -15.38
C PRO A 410 21.28 17.22 -16.78
N HIS A 411 21.04 15.91 -16.88
CA HIS A 411 21.09 15.23 -18.17
C HIS A 411 19.99 14.20 -18.31
N HIS A 412 19.58 13.93 -19.54
CA HIS A 412 18.49 12.99 -19.75
C HIS A 412 18.99 11.72 -20.41
N TYR A 413 18.27 10.64 -20.16
CA TYR A 413 18.64 9.35 -20.72
C TYR A 413 17.42 8.44 -20.86
N SER A 414 17.60 7.33 -21.56
CA SER A 414 16.52 6.40 -21.81
C SER A 414 17.07 5.00 -21.82
N VAL A 415 16.19 4.01 -22.00
CA VAL A 415 16.63 2.63 -22.06
C VAL A 415 17.54 2.42 -23.27
N ASP A 416 17.37 3.26 -24.28
CA ASP A 416 18.14 3.12 -25.52
C ASP A 416 19.48 3.84 -25.43
N ASP A 417 19.56 4.85 -24.57
CA ASP A 417 20.78 5.61 -24.40
C ASP A 417 21.04 5.93 -22.92
N LEU A 418 21.91 5.15 -22.31
CA LEU A 418 22.19 5.29 -20.89
C LEU A 418 23.34 6.25 -20.55
N SER A 419 23.93 6.85 -21.57
CA SER A 419 25.12 7.67 -21.38
C SER A 419 24.82 8.83 -20.43
N GLY A 420 23.56 9.26 -20.43
CA GLY A 420 23.15 10.39 -19.64
C GLY A 420 23.19 10.09 -18.15
N LYS A 421 23.00 8.83 -17.81
CA LYS A 421 22.97 8.45 -16.40
C LYS A 421 24.35 8.60 -15.77
N ALA A 422 25.39 8.29 -16.54
CA ALA A 422 26.76 8.48 -16.07
C ALA A 422 27.07 9.93 -15.73
N LYS A 423 26.61 10.84 -16.59
CA LYS A 423 26.73 12.27 -16.35
C LYS A 423 25.97 12.71 -15.11
N CYS A 424 24.76 12.17 -14.92
CA CYS A 424 23.99 12.48 -13.72
C CYS A 424 24.77 12.08 -12.48
N LYS A 425 25.35 10.89 -12.51
CA LYS A 425 26.15 10.40 -11.38
C LYS A 425 27.32 11.32 -11.05
N ALA A 426 27.99 11.79 -12.10
CA ALA A 426 29.16 12.62 -11.92
C ALA A 426 28.69 13.94 -11.33
N GLU A 427 27.61 14.48 -11.91
CA GLU A 427 27.07 15.75 -11.45
C GLU A 427 26.53 15.65 -10.04
N LEU A 428 26.13 14.44 -9.65
CA LEU A 428 25.62 14.22 -8.33
C LEU A 428 26.78 14.14 -7.34
N GLN A 429 27.82 13.39 -7.69
CA GLN A 429 29.01 13.33 -6.84
C GLN A 429 29.52 14.75 -6.61
N ARG A 430 29.50 15.56 -7.65
CA ARG A 430 29.97 16.93 -7.54
C ARG A 430 29.12 17.74 -6.57
N GLU A 431 27.80 17.68 -6.74
CA GLU A 431 26.88 18.38 -5.84
C GLU A 431 27.07 17.96 -4.37
N LEU A 432 27.46 16.72 -4.13
CA LEU A 432 27.56 16.20 -2.76
C LEU A 432 28.98 16.31 -2.21
N GLY A 433 29.93 16.62 -3.10
CA GLY A 433 31.30 16.79 -2.68
C GLY A 433 32.06 15.47 -2.62
N LEU A 434 31.52 14.48 -3.31
CA LEU A 434 32.17 13.18 -3.34
C LEU A 434 33.23 13.12 -4.44
N PRO A 435 34.25 12.31 -4.20
CA PRO A 435 35.20 11.99 -5.27
C PRO A 435 34.48 11.54 -6.55
N VAL A 436 34.72 12.28 -7.63
CA VAL A 436 34.09 12.00 -8.91
C VAL A 436 34.67 10.77 -9.58
N ARG A 437 34.23 9.59 -9.16
CA ARG A 437 34.71 8.34 -9.71
C ARG A 437 33.58 7.54 -10.35
N GLU A 438 33.76 7.24 -11.63
CA GLU A 438 32.73 6.53 -12.38
C GLU A 438 32.58 5.08 -11.89
N ASP A 439 33.67 4.52 -11.39
CA ASP A 439 33.81 3.09 -11.16
C ASP A 439 33.30 2.64 -9.79
N VAL A 440 33.26 3.58 -8.85
CA VAL A 440 32.82 3.31 -7.49
C VAL A 440 31.29 3.15 -7.46
N PRO A 441 30.79 2.17 -6.69
CA PRO A 441 29.35 1.97 -6.50
C PRO A 441 28.76 3.08 -5.63
N LEU A 442 27.75 3.77 -6.16
CA LEU A 442 27.09 4.83 -5.41
C LEU A 442 25.70 4.39 -4.99
N ILE A 443 25.44 4.47 -3.70
CA ILE A 443 24.22 3.92 -3.12
C ILE A 443 23.40 4.99 -2.43
N GLY A 444 22.09 4.93 -2.64
CA GLY A 444 21.18 5.91 -2.10
C GLY A 444 20.14 5.32 -1.15
N PHE A 445 19.81 6.10 -0.12
CA PHE A 445 18.60 5.88 0.65
C PHE A 445 17.81 7.17 0.64
N ILE A 446 16.49 7.06 0.58
CA ILE A 446 15.65 8.25 0.57
C ILE A 446 14.35 8.05 1.35
N GLY A 447 14.07 8.95 2.28
CA GLY A 447 12.79 8.95 2.93
C GLY A 447 12.82 9.43 4.35
N ARG A 448 11.67 9.36 5.00
CA ARG A 448 11.53 9.79 6.39
C ARG A 448 12.46 9.01 7.31
N LEU A 449 13.03 9.67 8.31
CA LEU A 449 13.84 8.97 9.28
C LEU A 449 12.95 8.27 10.32
N ASP A 450 12.18 7.29 9.86
CA ASP A 450 11.25 6.55 10.73
C ASP A 450 11.76 5.16 11.05
N TYR A 451 11.20 4.59 12.11
CA TYR A 451 11.53 3.22 12.50
C TYR A 451 11.15 2.29 11.36
N GLN A 452 9.97 2.52 10.81
CA GLN A 452 9.46 1.64 9.75
C GLN A 452 10.29 1.68 8.46
N LYS A 453 10.97 2.78 8.21
CA LYS A 453 11.77 2.90 7.00
C LYS A 453 13.06 2.07 7.05
N GLY A 454 13.36 1.48 8.20
CA GLY A 454 14.51 0.60 8.31
C GLY A 454 15.75 1.36 8.74
N ILE A 455 15.53 2.59 9.19
CA ILE A 455 16.57 3.48 9.67
C ILE A 455 17.66 2.81 10.53
N ASP A 456 17.25 2.07 11.56
CA ASP A 456 18.20 1.48 12.51
C ASP A 456 19.11 0.40 11.90
N LEU A 457 18.61 -0.33 10.91
CA LEU A 457 19.44 -1.29 10.19
C LEU A 457 20.64 -0.60 9.55
N ILE A 458 20.36 0.48 8.85
CA ILE A 458 21.41 1.23 8.17
C ILE A 458 22.43 1.74 9.18
N LYS A 459 21.95 2.25 10.30
CA LYS A 459 22.80 2.70 11.40
C LYS A 459 23.80 1.61 11.84
N MET A 460 23.38 0.36 11.78
CA MET A 460 24.20 -0.75 12.26
C MET A 460 25.13 -1.30 11.17
N ALA A 461 24.68 -1.24 9.92
CA ALA A 461 25.46 -1.82 8.83
C ALA A 461 26.52 -0.87 8.29
N ILE A 462 26.32 0.43 8.49
CA ILE A 462 27.24 1.44 7.95
C ILE A 462 28.71 1.10 8.19
N PRO A 463 29.10 0.92 9.47
CA PRO A 463 30.52 0.69 9.76
C PRO A 463 31.09 -0.47 8.97
N ASP A 464 30.38 -1.59 8.97
CA ASP A 464 30.81 -2.77 8.24
C ASP A 464 30.81 -2.49 6.73
N LEU A 465 30.03 -1.49 6.33
CA LEU A 465 29.81 -1.20 4.92
C LEU A 465 30.89 -0.29 4.33
N MET A 466 31.38 0.63 5.15
CA MET A 466 32.47 1.52 4.74
C MET A 466 33.83 0.80 4.67
N ARG A 467 33.89 -0.43 5.15
CA ARG A 467 35.06 -1.28 4.94
C ARG A 467 35.31 -1.49 3.44
N GLU A 468 34.31 -1.20 2.62
CA GLU A 468 34.40 -1.45 1.19
C GLU A 468 34.57 -0.14 0.44
N ASP A 469 34.97 -0.23 -0.83
CA ASP A 469 35.09 0.97 -1.64
C ASP A 469 33.74 1.29 -2.28
N VAL A 470 32.98 2.13 -1.58
CA VAL A 470 31.66 2.55 -2.04
C VAL A 470 31.37 3.94 -1.53
N GLN A 471 30.42 4.59 -2.18
CA GLN A 471 29.88 5.85 -1.67
C GLN A 471 28.41 5.64 -1.31
N PHE A 472 27.94 6.38 -0.31
CA PHE A 472 26.61 6.17 0.20
C PHE A 472 26.00 7.50 0.59
N VAL A 473 24.91 7.86 -0.08
CA VAL A 473 24.23 9.09 0.28
C VAL A 473 22.83 8.76 0.73
N MET A 474 22.43 9.32 1.86
CA MET A 474 21.05 9.20 2.24
C MET A 474 20.47 10.59 2.43
N LEU A 475 19.24 10.76 1.99
CA LEU A 475 18.53 12.02 2.13
C LEU A 475 17.26 11.72 2.90
N GLY A 476 17.02 12.51 3.94
CA GLY A 476 15.78 12.38 4.67
C GLY A 476 15.78 13.22 5.91
N SER A 477 14.64 13.23 6.60
CA SER A 477 14.49 14.06 7.79
C SER A 477 13.35 13.58 8.66
N GLY A 478 13.47 13.86 9.95
CA GLY A 478 12.36 13.66 10.87
C GLY A 478 12.78 13.00 12.16
N ASP A 479 14.02 13.22 12.59
CA ASP A 479 14.53 12.58 13.80
C ASP A 479 15.89 13.14 14.22
N PRO A 480 15.88 14.22 14.99
CA PRO A 480 17.08 14.95 15.42
C PRO A 480 18.23 14.10 15.95
N VAL A 481 17.95 13.01 16.66
CA VAL A 481 19.04 12.16 17.16
C VAL A 481 19.70 11.36 16.04
N PHE A 482 18.89 10.91 15.07
CA PHE A 482 19.42 10.20 13.92
C PHE A 482 20.07 11.18 12.92
N GLU A 483 19.43 12.33 12.75
CA GLU A 483 19.99 13.39 11.96
C GLU A 483 21.39 13.71 12.47
N GLY A 484 21.50 13.82 13.80
CA GLY A 484 22.78 14.11 14.43
C GLY A 484 23.77 13.03 14.06
N TRP A 485 23.26 11.81 13.93
CA TRP A 485 24.10 10.66 13.64
C TRP A 485 24.58 10.70 12.20
N MET A 486 23.71 11.14 11.30
CA MET A 486 24.12 11.35 9.92
C MET A 486 25.34 12.27 9.86
N ARG A 487 25.30 13.37 10.62
CA ARG A 487 26.40 14.34 10.61
C ARG A 487 27.74 13.74 11.07
N SER A 488 27.72 12.99 12.17
CA SER A 488 28.95 12.44 12.72
C SER A 488 29.53 11.36 11.82
N THR A 489 28.65 10.59 11.20
CA THR A 489 29.05 9.50 10.32
C THR A 489 29.77 10.03 9.10
N GLU A 490 29.21 11.10 8.54
CA GLU A 490 29.79 11.78 7.40
C GLU A 490 31.20 12.22 7.71
N SER A 491 31.38 12.63 8.96
CA SER A 491 32.68 13.10 9.43
C SER A 491 33.69 11.96 9.56
N SER A 492 33.23 10.79 9.99
CA SER A 492 34.08 9.60 10.13
C SER A 492 34.51 8.98 8.79
N TYR A 493 33.66 9.13 7.78
CA TYR A 493 33.98 8.59 6.47
C TYR A 493 33.82 9.69 5.43
N LYS A 494 34.74 10.65 5.42
CA LYS A 494 34.48 11.91 4.73
C LYS A 494 34.55 11.82 3.20
N ASP A 495 34.87 10.64 2.69
CA ASP A 495 35.04 10.45 1.25
C ASP A 495 34.07 9.38 0.72
N LYS A 496 33.21 8.90 1.59
CA LYS A 496 32.37 7.75 1.28
C LYS A 496 30.90 7.98 1.65
N PHE A 497 30.65 8.80 2.66
CA PHE A 497 29.30 8.95 3.19
C PHE A 497 28.81 10.39 3.19
N ARG A 498 27.59 10.60 2.70
CA ARG A 498 26.94 11.89 2.74
C ARG A 498 25.51 11.80 3.28
N GLY A 499 25.17 12.71 4.18
CA GLY A 499 23.85 12.78 4.76
C GLY A 499 23.21 14.13 4.50
N TRP A 500 22.19 14.12 3.66
CA TRP A 500 21.48 15.33 3.29
C TRP A 500 20.26 15.43 4.17
N VAL A 501 20.35 16.29 5.18
CA VAL A 501 19.27 16.43 6.15
C VAL A 501 18.25 17.48 5.76
N GLY A 502 17.02 17.03 5.58
CA GLY A 502 15.92 17.88 5.18
C GLY A 502 15.16 17.12 4.12
N PHE A 503 14.25 17.79 3.45
CA PHE A 503 13.78 17.22 2.20
C PHE A 503 13.92 18.16 1.03
N SER A 504 13.77 17.60 -0.16
CA SER A 504 13.90 18.31 -1.41
C SER A 504 13.48 17.34 -2.48
N VAL A 505 12.42 17.67 -3.20
CA VAL A 505 12.02 16.76 -4.25
C VAL A 505 13.04 16.82 -5.40
N PRO A 506 13.57 18.01 -5.67
CA PRO A 506 14.59 18.08 -6.74
C PRO A 506 15.83 17.23 -6.43
N VAL A 507 16.29 17.26 -5.18
CA VAL A 507 17.47 16.49 -4.83
C VAL A 507 17.19 14.99 -4.82
N SER A 508 15.96 14.62 -4.44
CA SER A 508 15.60 13.21 -4.45
C SER A 508 15.56 12.66 -5.88
N HIS A 509 15.14 13.49 -6.83
CA HIS A 509 15.13 13.07 -8.23
C HIS A 509 16.56 12.82 -8.71
N ARG A 510 17.46 13.74 -8.37
CA ARG A 510 18.87 13.61 -8.76
C ARG A 510 19.57 12.44 -8.10
N ILE A 511 19.21 12.16 -6.85
CA ILE A 511 19.77 10.98 -6.19
C ILE A 511 19.29 9.74 -6.90
N THR A 512 18.00 9.69 -7.19
CA THR A 512 17.42 8.52 -7.85
C THR A 512 18.13 8.26 -9.17
N ALA A 513 18.34 9.33 -9.94
CA ALA A 513 19.02 9.19 -11.22
C ALA A 513 20.51 8.92 -11.08
N GLY A 514 21.15 9.57 -10.10
CA GLY A 514 22.61 9.50 -9.97
C GLY A 514 23.16 8.19 -9.44
N CYS A 515 22.47 7.62 -8.44
CA CYS A 515 22.89 6.39 -7.80
C CYS A 515 22.79 5.15 -8.67
N ASP A 516 23.60 4.16 -8.35
CA ASP A 516 23.60 2.90 -9.07
C ASP A 516 22.63 1.95 -8.40
N ILE A 517 22.58 2.04 -7.07
CA ILE A 517 21.72 1.21 -6.25
C ILE A 517 20.91 2.08 -5.31
N LEU A 518 19.66 1.70 -5.08
CA LEU A 518 18.83 2.37 -4.10
C LEU A 518 18.43 1.35 -3.08
N LEU A 519 18.51 1.75 -1.82
CA LEU A 519 18.30 0.80 -0.71
C LEU A 519 17.00 1.09 0.05
N MET A 520 16.11 0.10 0.10
CA MET A 520 14.86 0.24 0.84
C MET A 520 14.73 -0.88 1.87
N PRO A 521 15.25 -0.65 3.07
CA PRO A 521 15.11 -1.61 4.17
C PRO A 521 13.81 -1.45 4.98
N SER A 522 12.70 -1.21 4.30
CA SER A 522 11.41 -1.01 4.94
C SER A 522 10.90 -2.30 5.57
N ARG A 523 10.24 -2.16 6.72
CA ARG A 523 9.80 -3.29 7.53
C ARG A 523 8.52 -3.95 7.05
N PHE A 524 7.62 -3.15 6.51
CA PHE A 524 6.29 -3.63 6.16
C PHE A 524 5.60 -2.56 5.33
N GLU A 525 6.00 -2.43 4.08
CA GLU A 525 5.58 -1.27 3.27
C GLU A 525 4.44 -1.58 2.32
N PRO A 526 3.26 -0.99 2.60
CA PRO A 526 2.09 -1.16 1.74
C PRO A 526 2.19 -0.23 0.54
N CYS A 527 3.01 0.81 0.67
CA CYS A 527 3.16 1.80 -0.39
C CYS A 527 4.63 1.95 -0.75
N GLY A 528 5.18 0.92 -1.38
CA GLY A 528 6.59 0.92 -1.77
C GLY A 528 6.84 1.57 -3.13
N LEU A 529 6.99 2.88 -3.14
CA LEU A 529 7.16 3.57 -4.40
C LEU A 529 8.62 3.70 -4.79
N ASN A 530 9.50 3.67 -3.81
CA ASN A 530 10.91 3.88 -4.14
C ASN A 530 11.46 2.83 -5.11
N GLN A 531 11.07 1.57 -4.95
CA GLN A 531 11.31 0.51 -5.94
C GLN A 531 11.03 0.97 -7.36
N LEU A 532 9.80 1.45 -7.57
CA LEU A 532 9.31 1.79 -8.89
C LEU A 532 10.11 2.92 -9.50
N TYR A 533 10.35 3.97 -8.71
CA TYR A 533 11.18 5.09 -9.15
C TYR A 533 12.58 4.59 -9.54
N ALA A 534 13.16 3.78 -8.65
CA ALA A 534 14.48 3.22 -8.92
C ALA A 534 14.47 2.52 -10.27
N MET A 535 13.57 1.55 -10.41
CA MET A 535 13.45 0.77 -11.63
C MET A 535 13.18 1.66 -12.83
N GLN A 536 12.27 2.61 -12.66
CA GLN A 536 11.93 3.54 -13.73
C GLN A 536 13.17 4.30 -14.19
N TYR A 537 14.16 4.40 -13.31
CA TYR A 537 15.34 5.21 -13.57
C TYR A 537 16.62 4.41 -13.81
N GLY A 538 16.49 3.10 -13.93
CA GLY A 538 17.66 2.26 -14.11
C GLY A 538 18.54 2.21 -12.88
N THR A 539 17.94 2.52 -11.73
CA THR A 539 18.65 2.38 -10.47
C THR A 539 18.18 1.09 -9.83
N VAL A 540 19.13 0.19 -9.59
CA VAL A 540 18.81 -1.14 -9.12
C VAL A 540 18.46 -1.12 -7.65
N PRO A 541 17.25 -1.59 -7.33
CA PRO A 541 16.80 -1.55 -5.95
C PRO A 541 17.26 -2.77 -5.16
N VAL A 542 17.61 -2.52 -3.89
CA VAL A 542 17.82 -3.58 -2.92
C VAL A 542 16.85 -3.36 -1.76
N VAL A 543 15.94 -4.30 -1.58
CA VAL A 543 14.80 -4.09 -0.72
C VAL A 543 14.50 -5.28 0.19
N HIS A 544 13.97 -5.01 1.39
CA HIS A 544 13.50 -6.07 2.26
C HIS A 544 12.27 -6.76 1.71
N GLY A 545 12.33 -8.09 1.61
CA GLY A 545 11.19 -8.88 1.17
C GLY A 545 11.50 -10.14 0.40
N THR A 546 10.45 -10.79 -0.08
CA THR A 546 10.59 -11.95 -0.95
C THR A 546 10.70 -11.48 -2.42
N GLY A 547 11.39 -12.26 -3.25
CA GLY A 547 11.74 -11.78 -4.57
C GLY A 547 11.25 -12.64 -5.71
N GLY A 548 10.10 -13.28 -5.53
CA GLY A 548 9.53 -14.13 -6.55
C GLY A 548 9.07 -13.38 -7.78
N LEU A 549 8.73 -14.12 -8.83
CA LEU A 549 8.29 -13.54 -10.08
C LEU A 549 7.09 -12.62 -9.89
N ARG A 550 6.21 -12.98 -8.97
CA ARG A 550 5.01 -12.18 -8.74
C ARG A 550 5.30 -10.97 -7.82
N ASP A 551 6.52 -10.89 -7.29
CA ASP A 551 6.85 -9.81 -6.38
C ASP A 551 7.25 -8.52 -7.12
N THR A 552 7.08 -7.38 -6.43
CA THR A 552 7.33 -6.08 -7.04
C THR A 552 8.80 -5.89 -7.47
N VAL A 553 9.72 -6.44 -6.68
CA VAL A 553 11.10 -6.62 -7.11
C VAL A 553 11.44 -8.10 -7.19
N GLU A 554 11.66 -8.59 -8.41
CA GLU A 554 12.05 -9.97 -8.63
C GLU A 554 13.57 -10.11 -8.46
N THR A 555 14.00 -10.94 -7.51
CA THR A 555 15.43 -11.06 -7.24
C THR A 555 16.20 -11.55 -8.48
N PHE A 556 17.42 -11.05 -8.63
CA PHE A 556 18.26 -11.38 -9.77
C PHE A 556 18.63 -12.85 -9.84
N ASN A 557 18.51 -13.41 -11.03
CA ASN A 557 18.84 -14.81 -11.26
C ASN A 557 19.32 -14.99 -12.68
N PRO A 558 20.65 -15.11 -12.85
CA PRO A 558 21.29 -15.12 -14.18
C PRO A 558 21.09 -16.43 -14.94
N PHE A 559 20.28 -17.33 -14.39
CA PHE A 559 20.04 -18.62 -15.00
C PHE A 559 18.56 -18.85 -15.29
N GLY A 560 18.26 -19.47 -16.43
CA GLY A 560 16.88 -19.78 -16.75
C GLY A 560 16.64 -19.83 -18.24
N ALA A 561 15.56 -20.50 -18.64
CA ALA A 561 15.14 -20.50 -20.04
C ALA A 561 14.94 -19.06 -20.46
N LYS A 562 15.70 -18.64 -21.47
CA LYS A 562 15.88 -17.23 -21.72
C LYS A 562 16.69 -16.67 -20.55
N GLY A 563 17.99 -16.95 -20.60
CA GLY A 563 18.95 -16.58 -19.58
C GLY A 563 18.51 -15.76 -18.37
N GLU A 564 19.09 -14.56 -18.25
CA GLU A 564 19.03 -13.77 -17.02
C GLU A 564 17.67 -13.13 -16.75
N GLU A 565 17.29 -13.12 -15.47
CA GLU A 565 15.98 -12.61 -15.07
C GLU A 565 16.10 -11.80 -13.78
N GLY A 566 15.08 -10.98 -13.51
CA GLY A 566 15.07 -10.22 -12.28
C GLY A 566 15.33 -8.74 -12.50
N THR A 567 15.22 -7.96 -11.42
CA THR A 567 15.24 -6.50 -11.52
C THR A 567 16.05 -5.85 -10.42
N GLY A 568 16.42 -6.63 -9.41
CA GLY A 568 17.21 -6.12 -8.31
C GLY A 568 17.41 -7.22 -7.28
N TRP A 569 17.63 -6.85 -6.03
CA TRP A 569 17.71 -7.87 -4.98
C TRP A 569 16.73 -7.61 -3.85
N ALA A 570 15.88 -8.60 -3.58
CA ALA A 570 15.06 -8.59 -2.38
C ALA A 570 15.66 -9.57 -1.39
N PHE A 571 15.82 -9.13 -0.15
CA PHE A 571 16.45 -9.96 0.87
C PHE A 571 15.54 -10.16 2.07
N SER A 572 15.64 -11.33 2.69
CA SER A 572 14.90 -11.63 3.91
C SER A 572 15.71 -12.65 4.68
N PRO A 573 15.70 -12.55 6.01
CA PRO A 573 14.83 -11.61 6.70
C PRO A 573 15.54 -10.27 6.87
N LEU A 574 14.88 -9.36 7.57
CA LEU A 574 15.42 -8.03 7.76
C LEU A 574 16.52 -8.01 8.82
N THR A 575 17.75 -8.29 8.41
CA THR A 575 18.88 -8.31 9.34
C THR A 575 20.12 -7.65 8.74
N VAL A 576 20.88 -7.00 9.59
CA VAL A 576 22.14 -6.39 9.16
C VAL A 576 23.00 -7.34 8.33
N GLU A 577 22.94 -8.63 8.62
CA GLU A 577 23.77 -9.61 7.92
C GLU A 577 23.21 -9.82 6.52
N LYS A 578 21.92 -10.13 6.47
CA LYS A 578 21.27 -10.41 5.19
C LYS A 578 21.32 -9.19 4.29
N MET A 579 21.20 -8.01 4.89
CA MET A 579 21.26 -6.78 4.11
C MET A 579 22.63 -6.61 3.48
N LEU A 580 23.67 -6.68 4.30
CA LEU A 580 25.03 -6.52 3.81
C LEU A 580 25.34 -7.58 2.79
N TRP A 581 24.85 -8.79 3.02
CA TRP A 581 25.09 -9.84 2.05
C TRP A 581 24.55 -9.42 0.69
N ALA A 582 23.30 -8.99 0.65
CA ALA A 582 22.68 -8.54 -0.60
C ALA A 582 23.39 -7.33 -1.22
N LEU A 583 23.75 -6.35 -0.40
CA LEU A 583 24.52 -5.22 -0.89
C LEU A 583 25.78 -5.69 -1.56
N ARG A 584 26.52 -6.56 -0.89
CA ARG A 584 27.77 -7.05 -1.43
C ARG A 584 27.51 -7.83 -2.70
N THR A 585 26.46 -8.62 -2.70
CA THR A 585 26.12 -9.38 -3.90
C THR A 585 25.87 -8.45 -5.09
N ALA A 586 25.15 -7.36 -4.84
CA ALA A 586 24.82 -6.43 -5.92
C ALA A 586 26.08 -5.67 -6.34
N ILE A 587 26.85 -5.22 -5.36
CA ILE A 587 28.08 -4.49 -5.63
C ILE A 587 29.04 -5.27 -6.52
N SER A 588 29.19 -6.56 -6.23
CA SER A 588 30.06 -7.43 -7.03
C SER A 588 29.59 -7.44 -8.47
N THR A 589 28.31 -7.77 -8.66
CA THR A 589 27.70 -7.75 -9.97
C THR A 589 27.95 -6.43 -10.70
N PHE A 590 27.91 -5.33 -9.96
CA PHE A 590 28.09 -4.01 -10.54
C PHE A 590 29.49 -3.85 -11.10
N ARG A 591 30.48 -4.33 -10.35
CA ARG A 591 31.88 -4.19 -10.77
C ARG A 591 32.32 -5.22 -11.81
N GLU A 592 32.03 -6.49 -11.54
CA GLU A 592 32.57 -7.58 -12.33
C GLU A 592 31.75 -7.99 -13.55
N HIS A 593 30.44 -7.78 -13.53
CA HIS A 593 29.62 -8.13 -14.69
C HIS A 593 28.74 -6.99 -15.17
N LYS A 594 29.37 -5.94 -15.66
CA LYS A 594 28.65 -4.79 -16.21
C LYS A 594 27.55 -5.21 -17.20
N PRO A 595 27.87 -6.14 -18.12
CA PRO A 595 26.84 -6.57 -19.08
C PRO A 595 25.60 -7.12 -18.39
N SER A 596 25.78 -7.85 -17.30
CA SER A 596 24.64 -8.32 -16.49
C SER A 596 23.92 -7.16 -15.80
N TRP A 597 24.70 -6.25 -15.23
CA TRP A 597 24.14 -5.06 -14.61
C TRP A 597 23.23 -4.31 -15.58
N GLU A 598 23.78 -3.95 -16.74
CA GLU A 598 23.00 -3.31 -17.80
C GLU A 598 21.64 -3.99 -18.01
N GLY A 599 21.62 -5.32 -17.91
CA GLY A 599 20.39 -6.05 -18.09
C GLY A 599 19.41 -5.78 -16.97
N LEU A 600 19.92 -5.78 -15.73
CA LEU A 600 19.07 -5.52 -14.58
C LEU A 600 18.40 -4.16 -14.69
N MET A 601 19.16 -3.19 -15.19
CA MET A 601 18.66 -1.83 -15.37
C MET A 601 17.59 -1.78 -16.44
N LYS A 602 17.95 -2.21 -17.64
CA LYS A 602 17.04 -2.17 -18.77
C LYS A 602 15.72 -2.90 -18.47
N ARG A 603 15.79 -3.99 -17.71
CA ARG A 603 14.60 -4.70 -17.32
C ARG A 603 13.71 -3.81 -16.44
N GLY A 604 14.34 -3.12 -15.49
CA GLY A 604 13.61 -2.22 -14.61
C GLY A 604 12.92 -1.11 -15.37
N MET A 605 13.65 -0.51 -16.30
CA MET A 605 13.17 0.65 -17.02
C MET A 605 12.07 0.33 -18.02
N THR A 606 12.11 -0.86 -18.58
CA THR A 606 11.10 -1.26 -19.56
C THR A 606 9.79 -1.71 -18.91
N LYS A 607 9.83 -2.10 -17.63
CA LYS A 607 8.62 -2.44 -16.87
C LYS A 607 7.60 -1.29 -16.85
N ASP A 608 6.32 -1.65 -16.85
CA ASP A 608 5.25 -0.65 -16.76
C ASP A 608 4.91 -0.42 -15.29
N HIS A 609 5.13 0.80 -14.83
CA HIS A 609 4.89 1.14 -13.43
C HIS A 609 3.76 2.14 -13.31
N THR A 610 2.93 2.22 -14.33
CA THR A 610 1.82 3.15 -14.31
C THR A 610 0.65 2.59 -13.52
N TRP A 611 -0.31 3.45 -13.27
CA TRP A 611 -1.55 3.04 -12.67
C TRP A 611 -2.42 2.20 -13.60
N ASP A 612 -2.31 2.43 -14.90
CA ASP A 612 -3.04 1.59 -15.85
C ASP A 612 -2.62 0.15 -15.67
N HIS A 613 -1.32 -0.07 -15.55
CA HIS A 613 -0.83 -1.41 -15.42
C HIS A 613 -1.34 -1.97 -14.10
N ALA A 614 -1.32 -1.12 -13.07
CA ALA A 614 -1.80 -1.52 -11.76
C ALA A 614 -3.28 -1.89 -11.80
N ALA A 615 -4.10 -1.02 -12.41
CA ALA A 615 -5.54 -1.26 -12.47
C ALA A 615 -5.86 -2.52 -13.27
N GLU A 616 -5.06 -2.79 -14.30
CA GLU A 616 -5.17 -4.00 -15.07
C GLU A 616 -5.09 -5.23 -14.14
N GLN A 617 -4.11 -5.21 -13.22
CA GLN A 617 -3.95 -6.31 -12.26
C GLN A 617 -5.20 -6.49 -11.40
N TYR A 618 -5.65 -5.42 -10.77
CA TYR A 618 -6.85 -5.51 -9.95
C TYR A 618 -8.02 -6.03 -10.79
N GLU A 619 -8.04 -5.64 -12.06
CA GLU A 619 -9.14 -6.05 -12.94
C GLU A 619 -9.17 -7.55 -13.09
N GLN A 620 -7.99 -8.14 -13.27
CA GLN A 620 -7.84 -9.58 -13.34
C GLN A 620 -8.44 -10.21 -12.08
N ILE A 621 -7.98 -9.71 -10.94
CA ILE A 621 -8.44 -10.19 -9.66
C ILE A 621 -9.96 -10.20 -9.58
N PHE A 622 -10.59 -9.09 -9.90
CA PHE A 622 -12.06 -9.00 -9.88
C PHE A 622 -12.70 -10.03 -10.77
N GLU A 623 -12.05 -10.34 -11.88
CA GLU A 623 -12.62 -11.32 -12.79
C GLU A 623 -12.65 -12.70 -12.17
N TRP A 624 -11.52 -13.09 -11.58
CA TRP A 624 -11.49 -14.29 -10.76
C TRP A 624 -12.60 -14.30 -9.71
N ALA A 625 -12.84 -13.17 -9.06
CA ALA A 625 -13.84 -13.14 -8.00
C ALA A 625 -15.22 -13.41 -8.54
N PHE A 626 -15.52 -12.80 -9.69
CA PHE A 626 -16.85 -12.90 -10.27
C PHE A 626 -17.09 -14.28 -10.84
N VAL A 627 -16.07 -14.84 -11.47
CA VAL A 627 -16.17 -16.17 -12.03
C VAL A 627 -16.46 -17.24 -10.96
N ASP A 628 -15.86 -17.08 -9.77
CA ASP A 628 -16.08 -18.03 -8.68
C ASP A 628 -17.33 -17.75 -7.83
N GLN A 629 -17.73 -18.75 -7.06
CA GLN A 629 -18.87 -18.62 -6.17
C GLN A 629 -18.53 -17.66 -5.06
N PRO A 630 -19.52 -16.88 -4.58
CA PRO A 630 -19.20 -16.11 -3.38
C PRO A 630 -18.60 -17.07 -2.37
N TYR A 631 -17.42 -16.74 -1.89
CA TYR A 631 -16.66 -17.63 -1.05
C TYR A 631 -17.50 -18.16 0.11
N VAL A 632 -18.19 -17.25 0.80
CA VAL A 632 -18.97 -17.72 1.90
C VAL A 632 -20.31 -18.22 1.43
N MET A 633 -20.30 -19.52 1.19
CA MET A 633 -21.46 -20.35 1.24
C MET A 633 -21.09 -21.34 2.35
#